data_8RB6
#
_entry.id   8RB6
#
_cell.length_a   41.343
_cell.length_b   93.191
_cell.length_c   83.008
_cell.angle_alpha   90.00
_cell.angle_beta   95.09
_cell.angle_gamma   90.00
#
_symmetry.space_group_name_H-M   'P 1 21 1'
#
loop_
_entity.id
_entity.type
_entity.pdbx_description
1 polymer 'Aldo-keto reductase family 1 member C3'
2 non-polymer 'NADP NICOTINAMIDE-ADENINE-DINUCLEOTIDE PHOSPHATE'
3 non-polymer 4-[[4-(3-hydroxyphenyl)phenyl]amino]-1,2-benzoxazol-3-ol
4 non-polymer 1,2-ETHANEDIOL
5 water water
#
_entity_poly.entity_id   1
_entity_poly.type   'polypeptide(L)'
_entity_poly.pdbx_seq_one_letter_code
;MDSKHQCVKLNDGHFMPVLGFGTYAPPEVPRSKALEVTKLAIEAGFRHIDSAHLYNNEEQVGLAIRSKIADGSVKREDIF
YTSKLWSTFHRPELVRPALENSLKKAQLDYVDLYLIHSPMSLKPGEELSPTDENGKVIFDIVDLCTTWEAMEKCKDAGLA
KSIGVSNFNRRQLEMILNKPGLKYKPVCNQVECHPYFNRSKLLDFCKSKDIVLVAYSALGSQRDKRWVDPNSPVLLEDPV
LCALAKKHKRTPALIALRYQLQRGVVVLAKSYNEQRIRQNVQVFEFQLTAEDMKAIDGLDRNLHYFNSDSFASHPNYPYS
DEY
;
_entity_poly.pdbx_strand_id   A,B
#
# COMPACT_ATOMS: atom_id res chain seq x y z
N GLN A 6 24.51 -22.44 3.26
CA GLN A 6 23.65 -21.77 2.30
C GLN A 6 23.77 -20.26 2.43
N CYS A 7 24.42 -19.64 1.44
CA CYS A 7 24.69 -18.21 1.45
C CYS A 7 24.38 -17.64 0.07
N VAL A 8 24.27 -16.32 0.01
CA VAL A 8 24.08 -15.59 -1.23
C VAL A 8 25.26 -14.64 -1.39
N LYS A 9 25.72 -14.46 -2.63
CA LYS A 9 26.84 -13.59 -2.92
C LYS A 9 26.37 -12.14 -2.97
N LEU A 10 26.95 -11.30 -2.14
CA LEU A 10 26.63 -9.88 -2.14
C LEU A 10 27.34 -9.17 -3.29
N ASN A 11 26.88 -7.95 -3.59
CA ASN A 11 27.41 -7.24 -4.74
C ASN A 11 28.83 -6.72 -4.52
N ASP A 12 29.40 -6.93 -3.34
CA ASP A 12 30.79 -6.56 -3.08
C ASP A 12 31.71 -7.78 -2.97
N GLY A 13 31.21 -8.97 -3.29
CA GLY A 13 32.02 -10.18 -3.28
C GLY A 13 31.88 -11.00 -2.03
N HIS A 14 31.43 -10.42 -0.93
CA HIS A 14 31.28 -11.17 0.31
C HIS A 14 30.00 -12.01 0.26
N PHE A 15 29.89 -12.93 1.22
CA PHE A 15 28.80 -13.89 1.28
C PHE A 15 28.03 -13.73 2.59
N MET A 16 26.71 -13.85 2.49
CA MET A 16 25.80 -13.69 3.62
C MET A 16 24.97 -14.96 3.77
N PRO A 17 24.98 -15.62 4.92
CA PRO A 17 24.07 -16.75 5.11
C PRO A 17 22.62 -16.30 4.97
N VAL A 18 21.82 -17.13 4.29
CA VAL A 18 20.45 -16.73 3.99
C VAL A 18 19.50 -16.83 5.18
N LEU A 19 19.93 -17.46 6.27
CA LEU A 19 19.14 -17.54 7.50
C LEU A 19 19.92 -16.87 8.62
N GLY A 20 19.29 -15.88 9.24
CA GLY A 20 19.93 -15.11 10.31
C GLY A 20 19.16 -15.20 11.61
N PHE A 21 19.88 -15.00 12.70
CA PHE A 21 19.29 -15.03 14.05
C PHE A 21 19.03 -13.59 14.50
N GLY A 22 17.79 -13.31 14.88
CA GLY A 22 17.43 -12.01 15.41
C GLY A 22 17.61 -11.99 16.92
N THR A 23 18.29 -10.95 17.42
CA THR A 23 18.67 -10.89 18.81
C THR A 23 17.87 -9.89 19.64
N TYR A 24 16.98 -9.12 19.03
CA TYR A 24 16.25 -8.14 19.83
C TYR A 24 15.29 -8.83 20.78
N ALA A 25 15.30 -8.41 22.04
CA ALA A 25 14.31 -8.78 23.04
C ALA A 25 13.96 -7.53 23.82
N PRO A 26 12.72 -7.39 24.28
CA PRO A 26 12.31 -6.17 24.98
C PRO A 26 13.08 -6.01 26.28
N PRO A 27 13.11 -4.79 26.85
CA PRO A 27 13.92 -4.57 28.06
C PRO A 27 13.55 -5.49 29.21
N GLU A 28 12.34 -6.04 29.25
CA GLU A 28 11.95 -6.89 30.36
C GLU A 28 12.71 -8.22 30.39
N VAL A 29 13.38 -8.58 29.29
CA VAL A 29 14.13 -9.83 29.21
C VAL A 29 15.54 -9.57 29.72
N PRO A 30 16.01 -10.30 30.74
CA PRO A 30 17.37 -10.04 31.26
C PRO A 30 18.44 -10.13 30.19
N ARG A 31 19.41 -9.22 30.27
CA ARG A 31 20.47 -9.18 29.27
C ARG A 31 21.22 -10.50 29.18
N SER A 32 21.23 -11.28 30.26
CA SER A 32 21.91 -12.58 30.23
C SER A 32 21.32 -13.49 29.15
N LYS A 33 20.03 -13.37 28.85
CA LYS A 33 19.43 -14.27 27.89
C LYS A 33 20.07 -14.13 26.51
N ALA A 34 20.44 -12.90 26.13
CA ALA A 34 21.04 -12.68 24.81
C ALA A 34 22.32 -13.49 24.64
N LEU A 35 23.15 -13.54 25.68
CA LEU A 35 24.33 -14.39 25.63
C LEU A 35 23.93 -15.85 25.50
N GLU A 36 22.96 -16.30 26.31
CA GLU A 36 22.57 -17.71 26.30
C GLU A 36 22.03 -18.11 24.93
N VAL A 37 21.06 -17.36 24.40
CA VAL A 37 20.38 -17.80 23.19
C VAL A 37 21.27 -17.67 21.96
N THR A 38 22.15 -16.67 21.95
CA THR A 38 23.04 -16.51 20.80
C THR A 38 23.98 -17.70 20.68
N LYS A 39 24.44 -18.22 21.82
CA LYS A 39 25.21 -19.46 21.83
C LYS A 39 24.36 -20.63 21.36
N LEU A 40 23.14 -20.75 21.88
CA LEU A 40 22.22 -21.78 21.40
C LEU A 40 21.99 -21.66 19.91
N ALA A 41 21.82 -20.44 19.40
CA ALA A 41 21.64 -20.26 17.96
C ALA A 41 22.84 -20.81 17.19
N ILE A 42 24.06 -20.44 17.61
CA ILE A 42 25.24 -20.88 16.91
C ILE A 42 25.38 -22.39 16.98
N GLU A 43 25.06 -22.98 18.13
CA GLU A 43 25.13 -24.42 18.28
C GLU A 43 24.10 -25.12 17.41
N ALA A 44 22.94 -24.49 17.19
CA ALA A 44 21.92 -25.08 16.33
C ALA A 44 22.26 -24.97 14.86
N GLY A 45 23.16 -24.07 14.48
CA GLY A 45 23.56 -23.96 13.08
C GLY A 45 23.49 -22.55 12.52
N PHE A 46 23.01 -21.60 13.31
CA PHE A 46 22.97 -20.21 12.86
C PHE A 46 24.39 -19.67 12.72
N ARG A 47 24.65 -19.02 11.59
CA ARG A 47 25.94 -18.38 11.35
C ARG A 47 25.82 -16.89 11.08
N HIS A 48 24.61 -16.40 10.86
CA HIS A 48 24.30 -15.00 10.61
C HIS A 48 23.59 -14.48 11.84
N ILE A 49 24.16 -13.47 12.49
CA ILE A 49 23.69 -12.94 13.76
CA ILE A 49 23.69 -12.94 13.76
C ILE A 49 23.41 -11.46 13.57
N ASP A 50 22.18 -11.05 13.83
CA ASP A 50 21.74 -9.67 13.60
C ASP A 50 21.55 -8.94 14.91
N SER A 51 22.36 -7.90 15.13
CA SER A 51 22.22 -7.04 16.30
C SER A 51 22.24 -5.56 15.89
N ALA A 52 22.35 -4.66 16.86
CA ALA A 52 22.28 -3.24 16.59
C ALA A 52 22.60 -2.48 17.88
N HIS A 53 23.10 -1.26 17.73
CA HIS A 53 23.29 -0.41 18.91
C HIS A 53 21.98 -0.30 19.68
N LEU A 54 20.86 -0.19 18.96
CA LEU A 54 19.57 0.04 19.59
C LEU A 54 19.19 -1.07 20.56
N TYR A 55 19.64 -2.30 20.31
CA TYR A 55 19.14 -3.45 21.07
C TYR A 55 19.75 -3.58 22.46
N ASN A 56 20.77 -2.78 22.79
CA ASN A 56 21.40 -2.84 24.12
C ASN A 56 21.79 -4.27 24.49
N ASN A 57 22.35 -4.99 23.50
CA ASN A 57 22.79 -6.36 23.73
C ASN A 57 24.10 -6.68 23.02
N GLU A 58 24.77 -5.69 22.44
CA GLU A 58 25.97 -5.99 21.66
C GLU A 58 27.06 -6.61 22.53
N GLU A 59 27.13 -6.21 23.80
CA GLU A 59 28.08 -6.83 24.72
C GLU A 59 27.81 -8.33 24.84
N GLN A 60 26.57 -8.70 25.15
CA GLN A 60 26.24 -10.10 25.35
C GLN A 60 26.30 -10.89 24.06
N VAL A 61 25.86 -10.30 22.95
CA VAL A 61 25.91 -11.01 21.67
C VAL A 61 27.35 -11.24 21.26
N GLY A 62 28.21 -10.23 21.42
CA GLY A 62 29.61 -10.40 21.10
C GLY A 62 30.29 -11.42 21.99
N LEU A 63 29.94 -11.43 23.27
CA LEU A 63 30.46 -12.45 24.18
C LEU A 63 30.13 -13.86 23.69
N ALA A 64 28.90 -14.06 23.22
CA ALA A 64 28.50 -15.38 22.74
C ALA A 64 29.35 -15.80 21.54
N ILE A 65 29.50 -14.90 20.58
CA ILE A 65 30.31 -15.19 19.40
C ILE A 65 31.74 -15.49 19.82
N ARG A 66 32.29 -14.65 20.70
CA ARG A 66 33.66 -14.85 21.13
CA ARG A 66 33.66 -14.84 21.16
C ARG A 66 33.83 -16.17 21.88
N SER A 67 32.83 -16.56 22.67
CA SER A 67 32.91 -17.83 23.40
CA SER A 67 32.91 -17.83 23.40
C SER A 67 32.89 -19.01 22.45
N LYS A 68 32.05 -18.96 21.42
CA LYS A 68 31.97 -20.08 20.47
C LYS A 68 33.18 -20.13 19.57
N ILE A 69 33.89 -19.01 19.38
CA ILE A 69 35.16 -19.03 18.68
C ILE A 69 36.25 -19.61 19.58
N ALA A 70 36.28 -19.17 20.85
CA ALA A 70 37.32 -19.63 21.76
C ALA A 70 37.18 -21.10 22.10
N ASP A 71 35.95 -21.62 22.17
CA ASP A 71 35.78 -23.03 22.52
C ASP A 71 36.00 -23.96 21.33
N GLY A 72 36.29 -23.41 20.16
CA GLY A 72 36.59 -24.22 19.00
C GLY A 72 35.40 -24.63 18.16
N SER A 73 34.22 -24.09 18.45
CA SER A 73 33.02 -24.48 17.71
C SER A 73 32.98 -23.87 16.32
N VAL A 74 33.46 -22.63 16.17
CA VAL A 74 33.45 -21.93 14.90
C VAL A 74 34.67 -21.02 14.83
N LYS A 75 34.97 -20.55 13.62
CA LYS A 75 35.97 -19.52 13.39
C LYS A 75 35.28 -18.21 13.09
N ARG A 76 36.00 -17.10 13.34
CA ARG A 76 35.42 -15.79 13.10
C ARG A 76 34.91 -15.67 11.68
N GLU A 77 35.64 -16.25 10.72
CA GLU A 77 35.23 -16.20 9.31
C GLU A 77 33.94 -16.97 9.05
N ASP A 78 33.56 -17.88 9.96
CA ASP A 78 32.30 -18.60 9.80
C ASP A 78 31.10 -17.79 10.25
N ILE A 79 31.32 -16.73 11.03
CA ILE A 79 30.24 -15.96 11.63
C ILE A 79 30.02 -14.70 10.82
N PHE A 80 28.77 -14.40 10.50
CA PHE A 80 28.37 -13.17 9.81
C PHE A 80 27.63 -12.32 10.83
N TYR A 81 28.32 -11.30 11.34
CA TYR A 81 27.77 -10.46 12.41
C TYR A 81 27.36 -9.11 11.85
N THR A 82 26.14 -8.68 12.17
CA THR A 82 25.60 -7.42 11.70
C THR A 82 25.35 -6.51 12.91
N SER A 83 25.74 -5.25 12.77
CA SER A 83 25.28 -4.19 13.66
C SER A 83 24.72 -3.05 12.82
N LYS A 84 24.17 -2.05 13.50
CA LYS A 84 23.45 -1.00 12.81
C LYS A 84 23.74 0.36 13.45
N LEU A 85 23.99 1.33 12.59
CA LEU A 85 24.13 2.73 12.99
C LEU A 85 22.77 3.31 13.36
N TRP A 86 22.63 3.77 14.60
CA TRP A 86 21.37 4.32 15.06
C TRP A 86 21.20 5.75 14.54
N SER A 87 19.95 6.21 14.52
CA SER A 87 19.57 7.40 13.78
C SER A 87 20.11 8.70 14.36
N THR A 88 20.60 8.68 15.60
CA THR A 88 21.20 9.87 16.20
C THR A 88 22.66 10.05 15.80
N PHE A 89 23.18 9.20 14.92
CA PHE A 89 24.59 9.21 14.53
C PHE A 89 24.72 9.28 13.01
N HIS A 90 23.70 9.85 12.34
CA HIS A 90 23.74 9.97 10.89
C HIS A 90 24.73 11.04 10.42
N ARG A 91 24.99 12.04 11.24
CA ARG A 91 25.94 13.07 10.82
C ARG A 91 27.28 12.41 10.53
N PRO A 92 27.92 12.72 9.38
CA PRO A 92 29.02 11.87 8.91
C PRO A 92 30.17 11.74 9.91
N GLU A 93 30.43 12.77 10.72
CA GLU A 93 31.51 12.69 11.68
C GLU A 93 31.20 11.73 12.83
N LEU A 94 29.93 11.40 13.04
CA LEU A 94 29.55 10.50 14.11
C LEU A 94 29.49 9.04 13.69
N VAL A 95 29.58 8.76 12.39
CA VAL A 95 29.38 7.39 11.89
C VAL A 95 30.50 6.48 12.38
N ARG A 96 31.75 6.85 12.11
CA ARG A 96 32.85 5.93 12.47
C ARG A 96 32.96 5.74 13.97
N PRO A 97 32.94 6.79 14.81
CA PRO A 97 32.95 6.55 16.26
C PRO A 97 31.85 5.61 16.73
N ALA A 98 30.68 5.68 16.11
CA ALA A 98 29.58 4.79 16.49
C ALA A 98 29.90 3.33 16.16
N LEU A 99 30.53 3.10 15.01
CA LEU A 99 30.94 1.75 14.66
C LEU A 99 32.05 1.25 15.58
N GLU A 100 33.04 2.10 15.84
CA GLU A 100 34.11 1.72 16.76
C GLU A 100 33.55 1.39 18.13
N ASN A 101 32.53 2.12 18.58
CA ASN A 101 31.93 1.84 19.88
C ASN A 101 31.21 0.50 19.86
N SER A 102 30.50 0.18 18.78
CA SER A 102 29.86 -1.14 18.69
C SER A 102 30.89 -2.26 18.68
N LEU A 103 32.01 -2.04 17.96
CA LEU A 103 33.09 -3.04 17.96
C LEU A 103 33.69 -3.20 19.34
N LYS A 104 33.90 -2.10 20.06
CA LYS A 104 34.42 -2.19 21.42
C LYS A 104 33.47 -2.96 22.32
N LYS A 105 32.16 -2.67 22.23
CA LYS A 105 31.21 -3.34 23.09
C LYS A 105 31.15 -4.83 22.79
N ALA A 106 31.16 -5.21 21.52
CA ALA A 106 31.08 -6.61 21.13
C ALA A 106 32.42 -7.32 21.20
N GLN A 107 33.50 -6.61 21.45
CA GLN A 107 34.85 -7.20 21.48
CA GLN A 107 34.85 -7.20 21.48
C GLN A 107 35.15 -7.91 20.16
N LEU A 108 34.83 -7.25 19.06
CA LEU A 108 35.11 -7.73 17.72
C LEU A 108 36.00 -6.72 17.01
N ASP A 109 36.81 -7.21 16.08
CA ASP A 109 37.67 -6.32 15.31
C ASP A 109 36.96 -5.71 14.12
N TYR A 110 35.88 -6.33 13.67
CA TYR A 110 35.11 -5.82 12.54
C TYR A 110 33.72 -6.43 12.61
N VAL A 111 32.76 -5.74 12.03
CA VAL A 111 31.46 -6.34 11.77
C VAL A 111 31.48 -6.83 10.33
N ASP A 112 30.71 -7.88 10.05
CA ASP A 112 30.57 -8.34 8.67
C ASP A 112 29.67 -7.41 7.88
N LEU A 113 28.75 -6.72 8.56
CA LEU A 113 27.77 -5.87 7.90
C LEU A 113 27.40 -4.75 8.86
N TYR A 114 27.46 -3.52 8.36
CA TYR A 114 27.00 -2.35 9.09
C TYR A 114 25.90 -1.70 8.26
N LEU A 115 24.76 -1.43 8.89
CA LEU A 115 23.60 -0.88 8.22
C LEU A 115 23.23 0.47 8.81
N ILE A 116 22.70 1.35 7.97
CA ILE A 116 21.92 2.48 8.46
C ILE A 116 20.60 1.92 8.97
N HIS A 117 20.35 2.07 10.27
CA HIS A 117 19.20 1.40 10.88
C HIS A 117 17.88 1.92 10.32
N SER A 118 17.82 3.21 10.02
CA SER A 118 16.61 3.84 9.49
C SER A 118 16.98 5.12 8.78
N PRO A 119 16.23 5.51 7.74
CA PRO A 119 16.53 6.80 7.08
C PRO A 119 16.10 8.03 7.86
N MET A 120 15.33 7.87 8.95
CA MET A 120 14.73 9.02 9.64
C MET A 120 15.69 9.56 10.70
N SER A 121 16.60 10.41 10.25
CA SER A 121 17.64 10.93 11.12
C SER A 121 17.04 11.66 12.33
N LEU A 122 17.69 11.50 13.48
CA LEU A 122 17.21 12.07 14.73
C LEU A 122 18.25 13.01 15.33
N LYS A 123 17.78 13.87 16.23
CA LYS A 123 18.64 14.86 16.84
C LYS A 123 19.82 14.19 17.52
N PRO A 124 21.06 14.66 17.27
CA PRO A 124 22.22 14.10 17.98
C PRO A 124 22.12 14.24 19.49
N GLU A 127 20.75 10.63 24.43
CA GLU A 127 19.65 9.65 24.44
C GLU A 127 19.40 9.11 23.04
N LEU A 128 19.14 7.80 22.94
CA LEU A 128 18.85 7.21 21.65
C LEU A 128 17.55 7.76 21.06
N SER A 129 16.56 8.03 21.92
CA SER A 129 15.27 8.57 21.49
C SER A 129 15.09 9.95 22.12
N PRO A 130 15.69 10.99 21.53
CA PRO A 130 15.53 12.36 22.06
C PRO A 130 14.11 12.89 21.93
N VAL A 137 9.52 13.09 19.57
CA VAL A 137 10.88 12.93 19.10
C VAL A 137 11.26 14.11 18.22
N ILE A 138 12.52 14.56 18.34
CA ILE A 138 13.05 15.66 17.56
C ILE A 138 13.83 15.11 16.40
N PHE A 139 13.57 15.63 15.21
CA PHE A 139 14.19 15.13 13.99
C PHE A 139 15.45 15.94 13.66
N ASP A 140 16.25 15.38 12.75
CA ASP A 140 17.45 16.04 12.26
C ASP A 140 17.45 15.97 10.73
N ILE A 141 17.86 17.07 10.10
CA ILE A 141 17.94 17.13 8.65
C ILE A 141 19.37 16.77 8.25
N VAL A 142 19.54 15.59 7.67
CA VAL A 142 20.85 15.10 7.24
C VAL A 142 20.67 14.49 5.85
N ASP A 143 21.51 14.92 4.90
CA ASP A 143 21.54 14.27 3.59
C ASP A 143 22.19 12.91 3.74
N LEU A 144 21.39 11.85 3.60
CA LEU A 144 21.88 10.50 3.82
C LEU A 144 23.00 10.12 2.87
N CYS A 145 23.15 10.82 1.75
CA CYS A 145 24.31 10.59 0.89
C CYS A 145 25.61 10.87 1.64
N THR A 146 25.62 11.88 2.53
CA THR A 146 26.81 12.15 3.31
C THR A 146 27.00 11.10 4.39
N THR A 147 25.90 10.59 4.95
CA THR A 147 26.00 9.44 5.85
C THR A 147 26.58 8.24 5.14
N TRP A 148 26.12 7.98 3.91
CA TRP A 148 26.61 6.82 3.17
C TRP A 148 28.09 6.94 2.85
N GLU A 149 28.55 8.15 2.50
CA GLU A 149 29.98 8.34 2.24
C GLU A 149 30.80 7.98 3.48
N ALA A 150 30.31 8.33 4.67
CA ALA A 150 31.02 7.97 5.89
C ALA A 150 31.01 6.46 6.09
N MET A 151 29.88 5.80 5.76
CA MET A 151 29.83 4.35 5.82
C MET A 151 30.83 3.72 4.87
N GLU A 152 30.97 4.28 3.67
CA GLU A 152 31.94 3.74 2.71
C GLU A 152 33.35 3.78 3.29
N LYS A 153 33.69 4.84 4.02
CA LYS A 153 35.03 4.92 4.61
C LYS A 153 35.23 3.87 5.70
N CYS A 154 34.16 3.48 6.39
CA CYS A 154 34.28 2.41 7.39
C CYS A 154 34.64 1.08 6.73
N LYS A 155 34.06 0.81 5.55
CA LYS A 155 34.44 -0.38 4.81
C LYS A 155 35.89 -0.29 4.32
N ASP A 156 36.30 0.89 3.82
CA ASP A 156 37.67 1.04 3.37
C ASP A 156 38.66 0.83 4.52
N ALA A 157 38.28 1.22 5.74
CA ALA A 157 39.15 1.05 6.90
C ALA A 157 39.16 -0.38 7.43
N GLY A 158 38.28 -1.24 6.93
CA GLY A 158 38.22 -2.62 7.38
C GLY A 158 37.37 -2.88 8.59
N LEU A 159 36.67 -1.86 9.10
CA LEU A 159 35.82 -2.04 10.26
C LEU A 159 34.49 -2.70 9.91
N ALA A 160 34.05 -2.59 8.67
CA ALA A 160 32.86 -3.28 8.18
C ALA A 160 33.21 -3.95 6.87
N LYS A 161 33.01 -5.27 6.80
CA LYS A 161 33.29 -5.96 5.55
C LYS A 161 32.34 -5.51 4.45
N SER A 162 31.06 -5.36 4.80
CA SER A 162 30.04 -4.88 3.86
C SER A 162 29.19 -3.82 4.55
N ILE A 163 28.56 -2.98 3.74
CA ILE A 163 27.67 -1.93 4.26
C ILE A 163 26.35 -1.98 3.50
N GLY A 164 25.27 -1.63 4.19
CA GLY A 164 23.94 -1.66 3.61
C GLY A 164 23.01 -0.73 4.37
N VAL A 165 21.71 -0.85 4.09
CA VAL A 165 20.72 0.04 4.70
C VAL A 165 19.57 -0.79 5.23
N SER A 166 18.75 -0.14 6.05
CA SER A 166 17.57 -0.78 6.63
C SER A 166 16.42 0.22 6.61
N ASN A 167 15.23 -0.28 6.31
CA ASN A 167 14.00 0.51 6.32
C ASN A 167 14.01 1.61 5.27
N PHE A 168 14.75 1.43 4.19
CA PHE A 168 14.69 2.32 3.04
C PHE A 168 13.58 1.87 2.09
N ASN A 169 12.97 2.84 1.41
CA ASN A 169 12.04 2.57 0.32
C ASN A 169 12.79 2.68 -1.00
N ARG A 170 12.07 2.44 -2.10
CA ARG A 170 12.70 2.50 -3.42
C ARG A 170 13.32 3.87 -3.68
N ARG A 171 12.59 4.94 -3.38
CA ARG A 171 13.11 6.28 -3.62
C ARG A 171 14.42 6.50 -2.88
N GLN A 172 14.49 6.05 -1.63
CA GLN A 172 15.67 6.29 -0.81
C GLN A 172 16.86 5.47 -1.28
N LEU A 173 16.61 4.23 -1.73
CA LEU A 173 17.69 3.45 -2.32
C LEU A 173 18.25 4.15 -3.56
N GLU A 174 17.37 4.61 -4.45
CA GLU A 174 17.83 5.27 -5.67
C GLU A 174 18.64 6.52 -5.35
N MET A 175 18.32 7.20 -4.25
CA MET A 175 19.13 8.35 -3.83
C MET A 175 20.57 7.94 -3.60
N ILE A 176 20.78 6.74 -3.07
CA ILE A 176 22.14 6.23 -2.86
C ILE A 176 22.71 5.68 -4.17
N LEU A 177 21.92 4.89 -4.89
CA LEU A 177 22.41 4.26 -6.11
C LEU A 177 22.80 5.29 -7.15
N ASN A 178 22.15 6.46 -7.14
CA ASN A 178 22.45 7.52 -8.09
C ASN A 178 23.31 8.63 -7.49
N LYS A 179 23.93 8.38 -6.35
CA LYS A 179 24.82 9.36 -5.75
C LYS A 179 26.03 9.54 -6.66
N PRO A 180 26.43 10.78 -6.98
CA PRO A 180 27.68 10.97 -7.72
C PRO A 180 28.87 10.49 -6.91
N GLY A 181 29.84 9.87 -7.61
CA GLY A 181 31.01 9.36 -6.93
C GLY A 181 30.77 8.16 -6.03
N LEU A 182 29.62 7.51 -6.17
CA LEU A 182 29.35 6.32 -5.38
C LEU A 182 30.50 5.32 -5.51
N LYS A 183 30.93 4.77 -4.38
CA LYS A 183 31.96 3.74 -4.37
C LYS A 183 31.43 2.35 -4.08
N TYR A 184 30.50 2.22 -3.14
CA TYR A 184 29.94 0.92 -2.78
C TYR A 184 28.42 1.02 -2.76
N LYS A 185 27.76 0.22 -3.58
CA LYS A 185 26.32 0.07 -3.46
C LYS A 185 25.99 -0.56 -2.10
N PRO A 186 24.83 -0.27 -1.54
CA PRO A 186 24.36 -1.08 -0.40
C PRO A 186 24.25 -2.54 -0.82
N VAL A 187 24.78 -3.43 0.01
CA VAL A 187 24.68 -4.86 -0.28
C VAL A 187 23.28 -5.38 0.00
N CYS A 188 22.49 -4.66 0.81
CA CYS A 188 21.19 -5.17 1.22
C CYS A 188 20.33 -4.03 1.72
N ASN A 189 19.04 -4.31 1.83
CA ASN A 189 18.06 -3.42 2.45
C ASN A 189 17.24 -4.29 3.39
N GLN A 190 17.41 -4.09 4.69
CA GLN A 190 16.69 -4.88 5.69
C GLN A 190 15.38 -4.17 6.03
N VAL A 191 14.25 -4.84 5.71
CA VAL A 191 12.93 -4.24 5.85
C VAL A 191 11.97 -5.28 6.41
N GLU A 192 10.85 -4.79 6.93
CA GLU A 192 9.77 -5.66 7.36
C GLU A 192 9.24 -6.42 6.16
N CYS A 193 9.14 -7.75 6.30
CA CYS A 193 8.77 -8.60 5.18
C CYS A 193 8.24 -9.92 5.70
N HIS A 194 6.98 -10.22 5.37
CA HIS A 194 6.27 -11.42 5.78
C HIS A 194 5.04 -11.55 4.87
N PRO A 195 4.30 -12.66 4.97
CA PRO A 195 3.19 -12.87 4.02
C PRO A 195 2.09 -11.81 4.05
N TYR A 196 1.95 -11.06 5.14
CA TYR A 196 0.98 -9.97 5.17
C TYR A 196 1.52 -8.68 4.58
N PHE A 197 2.82 -8.66 4.25
CA PHE A 197 3.54 -7.47 3.78
C PHE A 197 4.79 -7.93 3.05
N ASN A 198 4.62 -8.53 1.87
CA ASN A 198 5.71 -9.30 1.24
C ASN A 198 6.65 -8.45 0.39
N ARG A 199 6.36 -7.16 0.21
CA ARG A 199 7.29 -6.21 -0.43
C ARG A 199 7.66 -6.64 -1.85
N SER A 200 6.70 -7.24 -2.57
CA SER A 200 7.03 -7.80 -3.88
C SER A 200 7.66 -6.77 -4.80
N LYS A 201 7.11 -5.55 -4.84
CA LYS A 201 7.64 -4.54 -5.74
C LYS A 201 9.03 -4.10 -5.31
N LEU A 202 9.22 -3.84 -4.03
CA LEU A 202 10.55 -3.50 -3.53
C LEU A 202 11.53 -4.64 -3.77
N LEU A 203 11.07 -5.88 -3.60
CA LEU A 203 11.94 -7.04 -3.83
C LEU A 203 12.41 -7.10 -5.28
N ASP A 204 11.48 -6.95 -6.23
CA ASP A 204 11.87 -6.94 -7.64
C ASP A 204 12.87 -5.83 -7.92
N PHE A 205 12.67 -4.66 -7.32
CA PHE A 205 13.60 -3.55 -7.54
C PHE A 205 14.98 -3.90 -7.02
N CYS A 206 15.06 -4.41 -5.79
CA CYS A 206 16.35 -4.78 -5.23
C CYS A 206 17.04 -5.81 -6.09
N LYS A 207 16.31 -6.85 -6.52
CA LYS A 207 16.91 -7.86 -7.39
C LYS A 207 17.49 -7.22 -8.66
N SER A 208 16.76 -6.26 -9.26
CA SER A 208 17.25 -5.64 -10.48
C SER A 208 18.52 -4.84 -10.26
N LYS A 209 18.80 -4.41 -9.04
CA LYS A 209 19.98 -3.63 -8.71
C LYS A 209 21.04 -4.45 -7.98
N ASP A 210 20.82 -5.75 -7.82
CA ASP A 210 21.79 -6.64 -7.16
C ASP A 210 21.89 -6.30 -5.67
N ILE A 211 20.76 -5.95 -5.07
CA ILE A 211 20.65 -5.67 -3.64
C ILE A 211 19.82 -6.77 -3.01
N VAL A 212 20.32 -7.29 -1.88
CA VAL A 212 19.63 -8.35 -1.16
C VAL A 212 18.59 -7.73 -0.24
N LEU A 213 17.35 -8.20 -0.34
CA LEU A 213 16.32 -7.83 0.63
C LEU A 213 16.41 -8.78 1.81
N VAL A 214 16.56 -8.22 3.01
CA VAL A 214 16.64 -8.99 4.24
C VAL A 214 15.35 -8.77 5.01
N ALA A 215 14.66 -9.84 5.35
CA ALA A 215 13.35 -9.78 5.99
C ALA A 215 13.48 -9.77 7.50
N TYR A 216 12.84 -8.81 8.15
CA TYR A 216 12.64 -8.88 9.59
C TYR A 216 11.14 -8.93 9.90
N SER A 217 10.84 -9.32 11.14
CA SER A 217 9.45 -9.59 11.53
C SER A 217 8.83 -10.60 10.57
N ALA A 218 9.67 -11.49 10.03
CA ALA A 218 9.21 -12.49 9.09
C ALA A 218 8.29 -13.51 9.73
N LEU A 219 8.26 -13.57 11.06
CA LEU A 219 7.37 -14.48 11.77
C LEU A 219 6.17 -13.77 12.39
N GLY A 220 5.96 -12.50 12.04
CA GLY A 220 4.80 -11.75 12.50
C GLY A 220 5.10 -10.71 13.55
N SER A 221 6.37 -10.54 13.92
CA SER A 221 6.81 -9.60 14.94
C SER A 221 6.56 -10.15 16.33
N GLN A 222 7.20 -9.56 17.33
CA GLN A 222 7.00 -9.95 18.72
C GLN A 222 5.72 -9.37 19.31
N ARG A 223 4.99 -8.55 18.54
CA ARG A 223 3.68 -8.04 18.94
C ARG A 223 3.76 -7.30 20.27
N ASP A 224 4.75 -6.42 20.40
CA ASP A 224 4.90 -5.64 21.61
C ASP A 224 3.82 -4.56 21.67
N LYS A 225 3.12 -4.49 22.81
CA LYS A 225 2.03 -3.52 22.97
C LYS A 225 2.48 -2.09 22.74
N ARG A 226 3.79 -1.83 22.80
CA ARG A 226 4.27 -0.46 22.65
C ARG A 226 4.36 -0.03 21.18
N TRP A 227 4.58 -0.97 20.27
CA TRP A 227 4.70 -0.67 18.85
C TRP A 227 3.61 -1.29 17.99
N VAL A 228 3.01 -2.40 18.42
CA VAL A 228 2.14 -3.23 17.59
C VAL A 228 0.72 -3.16 18.12
N ASP A 229 -0.22 -2.86 17.22
CA ASP A 229 -1.64 -2.91 17.54
C ASP A 229 -2.02 -4.33 17.94
N PRO A 230 -2.53 -4.56 19.15
CA PRO A 230 -2.90 -5.93 19.54
C PRO A 230 -4.03 -6.51 18.70
N ASN A 231 -4.81 -5.67 18.01
CA ASN A 231 -5.90 -6.16 17.18
C ASN A 231 -5.44 -6.59 15.79
N SER A 232 -4.18 -6.36 15.44
CA SER A 232 -3.69 -6.79 14.14
C SER A 232 -3.68 -8.32 14.06
N PRO A 233 -3.92 -8.87 12.88
CA PRO A 233 -3.97 -10.33 12.76
C PRO A 233 -2.63 -10.98 13.13
N VAL A 234 -2.72 -12.13 13.79
CA VAL A 234 -1.55 -12.88 14.23
C VAL A 234 -1.06 -13.73 13.06
N LEU A 235 0.12 -13.42 12.54
CA LEU A 235 0.60 -14.11 11.34
C LEU A 235 0.63 -15.62 11.54
N LEU A 236 1.19 -16.08 12.65
CA LEU A 236 1.38 -17.52 12.85
C LEU A 236 0.08 -18.27 13.09
N GLU A 237 -1.04 -17.58 13.20
CA GLU A 237 -2.36 -18.22 13.26
C GLU A 237 -3.12 -18.10 11.95
N ASP A 238 -2.48 -17.63 10.89
CA ASP A 238 -3.16 -17.48 9.62
C ASP A 238 -3.65 -18.85 9.12
N PRO A 239 -4.89 -18.94 8.64
CA PRO A 239 -5.38 -20.25 8.18
C PRO A 239 -4.53 -20.85 7.07
N VAL A 240 -3.99 -20.03 6.16
CA VAL A 240 -3.23 -20.57 5.05
C VAL A 240 -1.92 -21.17 5.56
N LEU A 241 -1.22 -20.45 6.43
CA LEU A 241 0.04 -20.96 6.98
C LEU A 241 -0.20 -22.21 7.82
N CYS A 242 -1.31 -22.25 8.55
CA CYS A 242 -1.61 -23.43 9.38
C CYS A 242 -1.92 -24.64 8.50
N ALA A 243 -2.72 -24.46 7.44
CA ALA A 243 -2.97 -25.57 6.52
C ALA A 243 -1.68 -26.06 5.89
N LEU A 244 -0.85 -25.13 5.40
CA LEU A 244 0.42 -25.52 4.80
C LEU A 244 1.34 -26.19 5.80
N ALA A 245 1.29 -25.77 7.07
CA ALA A 245 2.09 -26.44 8.10
C ALA A 245 1.65 -27.89 8.28
N LYS A 246 0.34 -28.15 8.20
CA LYS A 246 -0.14 -29.52 8.30
C LYS A 246 0.33 -30.34 7.10
N LYS A 247 0.18 -29.80 5.89
CA LYS A 247 0.53 -30.54 4.69
C LYS A 247 1.97 -31.04 4.75
N HIS A 248 2.91 -30.14 5.03
CA HIS A 248 4.32 -30.48 5.03
C HIS A 248 4.81 -31.05 6.36
N LYS A 249 3.91 -31.21 7.34
CA LYS A 249 4.28 -31.70 8.67
C LYS A 249 5.34 -30.79 9.30
N ARG A 250 5.16 -29.48 9.14
CA ARG A 250 6.05 -28.51 9.75
C ARG A 250 5.27 -27.61 10.71
N THR A 251 5.64 -26.35 10.81
CA THR A 251 4.95 -25.36 11.64
C THR A 251 4.68 -24.13 10.80
N PRO A 252 3.72 -23.30 11.20
CA PRO A 252 3.52 -22.02 10.47
C PRO A 252 4.78 -21.19 10.40
N ALA A 253 5.59 -21.18 11.45
CA ALA A 253 6.82 -20.41 11.42
C ALA A 253 7.73 -20.89 10.30
N LEU A 254 7.90 -22.21 10.19
CA LEU A 254 8.77 -22.75 9.14
C LEU A 254 8.22 -22.47 7.75
N ILE A 255 6.89 -22.46 7.60
CA ILE A 255 6.32 -22.09 6.31
C ILE A 255 6.70 -20.66 5.97
N ALA A 256 6.51 -19.75 6.93
CA ALA A 256 6.80 -18.34 6.69
C ALA A 256 8.27 -18.12 6.37
N LEU A 257 9.16 -18.86 7.03
CA LEU A 257 10.59 -18.73 6.75
C LEU A 257 10.93 -19.31 5.38
N ARG A 258 10.40 -20.50 5.09
CA ARG A 258 10.70 -21.13 3.80
C ARG A 258 10.15 -20.30 2.64
N TYR A 259 9.01 -19.63 2.85
CA TYR A 259 8.46 -18.75 1.83
C TYR A 259 9.49 -17.73 1.38
N GLN A 260 10.16 -17.08 2.34
CA GLN A 260 11.12 -16.05 1.99
C GLN A 260 12.31 -16.64 1.23
N LEU A 261 12.81 -17.80 1.67
CA LEU A 261 13.97 -18.37 1.02
C LEU A 261 13.70 -18.70 -0.45
N GLN A 262 12.51 -19.21 -0.75
CA GLN A 262 12.22 -19.62 -2.12
C GLN A 262 11.91 -18.46 -3.05
N ARG A 263 11.73 -17.24 -2.52
CA ARG A 263 11.57 -16.06 -3.36
C ARG A 263 12.82 -15.18 -3.34
N GLY A 264 13.94 -15.70 -2.87
CA GLY A 264 15.21 -14.98 -2.96
C GLY A 264 15.49 -13.98 -1.87
N VAL A 265 14.79 -14.09 -0.74
CA VAL A 265 14.95 -13.17 0.38
C VAL A 265 15.77 -13.85 1.46
N VAL A 266 16.74 -13.12 2.02
CA VAL A 266 17.42 -13.53 3.24
C VAL A 266 16.50 -13.21 4.42
N VAL A 267 16.29 -14.18 5.30
CA VAL A 267 15.25 -14.08 6.31
C VAL A 267 15.88 -14.17 7.70
N LEU A 268 15.45 -13.28 8.59
CA LEU A 268 15.82 -13.32 10.00
C LEU A 268 14.74 -14.05 10.78
N ALA A 269 15.14 -14.60 11.92
CA ALA A 269 14.21 -15.29 12.81
C ALA A 269 14.71 -15.09 14.24
N LYS A 270 13.94 -14.38 15.03
CA LYS A 270 14.25 -14.19 16.44
C LYS A 270 13.53 -15.27 17.24
N SER A 271 14.25 -15.91 18.14
CA SER A 271 13.65 -16.78 19.13
C SER A 271 14.60 -16.84 20.31
N TYR A 272 14.06 -16.61 21.50
CA TYR A 272 14.80 -16.81 22.74
C TYR A 272 14.40 -18.11 23.43
N ASN A 273 13.73 -19.00 22.70
CA ASN A 273 13.29 -20.30 23.20
C ASN A 273 14.15 -21.39 22.57
N GLU A 274 14.76 -22.22 23.40
CA GLU A 274 15.76 -23.15 22.90
C GLU A 274 15.17 -24.09 21.84
N GLN A 275 13.96 -24.58 22.06
CA GLN A 275 13.40 -25.55 21.13
C GLN A 275 13.06 -24.90 19.80
N ARG A 276 12.53 -23.67 19.83
CA ARG A 276 12.19 -23.00 18.58
C ARG A 276 13.43 -22.55 17.83
N ILE A 277 14.50 -22.19 18.55
CA ILE A 277 15.76 -21.88 17.89
C ILE A 277 16.23 -23.08 17.07
N ARG A 278 16.21 -24.26 17.67
N ARG A 278 16.19 -24.27 17.67
CA ARG A 278 16.58 -25.47 16.94
CA ARG A 278 16.58 -25.47 16.94
C ARG A 278 15.59 -25.77 15.83
C ARG A 278 15.58 -25.78 15.83
N GLN A 279 14.31 -25.43 16.02
CA GLN A 279 13.32 -25.73 14.99
C GLN A 279 13.55 -24.90 13.74
N ASN A 280 13.90 -23.62 13.90
CA ASN A 280 13.97 -22.71 12.77
C ASN A 280 15.04 -23.09 11.76
N VAL A 281 16.03 -23.89 12.16
CA VAL A 281 17.01 -24.35 11.19
C VAL A 281 16.47 -25.47 10.32
N GLN A 282 15.28 -26.00 10.63
CA GLN A 282 14.63 -26.98 9.76
C GLN A 282 14.14 -26.36 8.46
N VAL A 283 14.26 -25.04 8.29
CA VAL A 283 13.77 -24.41 7.07
C VAL A 283 14.46 -24.97 5.84
N PHE A 284 15.66 -25.54 6.00
CA PHE A 284 16.39 -26.13 4.89
C PHE A 284 16.01 -27.58 4.61
N GLU A 285 15.08 -28.15 5.38
CA GLU A 285 14.76 -29.57 5.30
C GLU A 285 13.55 -29.89 4.42
N PHE A 286 12.87 -28.89 3.87
CA PHE A 286 11.68 -29.13 3.07
C PHE A 286 11.50 -27.99 2.07
N GLN A 287 10.55 -28.18 1.15
CA GLN A 287 10.26 -27.22 0.10
C GLN A 287 8.76 -26.97 -0.01
N LEU A 288 8.42 -25.77 -0.50
CA LEU A 288 7.05 -25.41 -0.80
C LEU A 288 6.78 -25.57 -2.30
N THR A 289 5.56 -25.97 -2.63
CA THR A 289 5.20 -26.11 -4.03
C THR A 289 4.91 -24.74 -4.64
N ALA A 290 4.87 -24.72 -5.98
CA ALA A 290 4.51 -23.48 -6.67
C ALA A 290 3.13 -22.98 -6.24
N GLU A 291 2.17 -23.90 -6.10
CA GLU A 291 0.84 -23.51 -5.64
C GLU A 291 0.87 -23.08 -4.18
N ASP A 292 1.71 -23.71 -3.36
CA ASP A 292 1.91 -23.24 -1.98
C ASP A 292 2.37 -21.79 -1.97
N MET A 293 3.38 -21.47 -2.79
CA MET A 293 3.91 -20.11 -2.82
C MET A 293 2.86 -19.11 -3.31
N LYS A 294 2.07 -19.51 -4.30
CA LYS A 294 1.01 -18.63 -4.80
C LYS A 294 0.00 -18.34 -3.70
N ALA A 295 -0.38 -19.36 -2.94
CA ALA A 295 -1.33 -19.16 -1.84
C ALA A 295 -0.76 -18.20 -0.80
N ILE A 296 0.53 -18.32 -0.50
CA ILE A 296 1.13 -17.41 0.47
C ILE A 296 1.18 -16.00 -0.10
N ASP A 297 1.51 -15.88 -1.39
CA ASP A 297 1.50 -14.57 -2.03
C ASP A 297 0.16 -13.87 -1.84
N GLY A 298 -0.94 -14.62 -1.91
CA GLY A 298 -2.27 -14.06 -1.83
C GLY A 298 -2.63 -13.48 -0.47
N LEU A 299 -1.82 -13.74 0.55
CA LEU A 299 -2.07 -13.18 1.86
C LEU A 299 -1.63 -11.73 1.99
N ASP A 300 -0.85 -11.21 1.03
CA ASP A 300 -0.35 -9.85 1.10
C ASP A 300 -1.48 -8.86 1.31
N ARG A 301 -1.31 -7.98 2.30
CA ARG A 301 -2.33 -6.96 2.57
C ARG A 301 -1.75 -5.64 3.05
N ASN A 302 -0.48 -5.36 2.76
CA ASN A 302 0.13 -4.07 3.11
C ASN A 302 0.00 -3.78 4.61
N LEU A 303 0.22 -4.80 5.43
CA LEU A 303 0.09 -4.69 6.88
C LEU A 303 1.46 -4.59 7.51
N HIS A 304 1.77 -3.42 8.07
CA HIS A 304 3.00 -3.21 8.83
C HIS A 304 2.68 -3.41 10.31
N TYR A 305 3.39 -4.33 10.97
CA TYR A 305 3.15 -4.54 12.39
C TYR A 305 3.66 -3.37 13.23
N PHE A 306 4.72 -2.70 12.78
CA PHE A 306 5.32 -1.59 13.51
C PHE A 306 4.62 -0.30 13.12
N ASN A 307 3.94 0.32 14.08
CA ASN A 307 3.17 1.54 13.83
C ASN A 307 4.11 2.74 13.94
N SER A 308 4.55 3.25 12.79
CA SER A 308 5.38 4.45 12.71
C SER A 308 4.57 5.67 12.31
N ASP A 309 3.26 5.67 12.60
CA ASP A 309 2.40 6.78 12.17
C ASP A 309 2.79 8.08 12.84
N SER A 310 3.26 8.02 14.09
CA SER A 310 3.68 9.25 14.77
C SER A 310 4.90 9.87 14.12
N PHE A 311 5.64 9.11 13.31
CA PHE A 311 6.81 9.62 12.60
C PHE A 311 6.52 9.92 11.13
N ALA A 312 5.25 9.95 10.74
CA ALA A 312 4.91 10.17 9.34
C ALA A 312 5.33 11.54 8.85
N SER A 313 5.60 12.49 9.76
CA SER A 313 6.00 13.83 9.37
C SER A 313 7.46 13.92 8.95
N HIS A 314 8.28 12.93 9.31
CA HIS A 314 9.70 13.00 8.98
C HIS A 314 9.89 13.06 7.47
N PRO A 315 10.77 13.94 6.97
CA PRO A 315 10.99 13.99 5.51
C PRO A 315 11.40 12.66 4.90
N ASN A 316 12.01 11.77 5.68
CA ASN A 316 12.48 10.48 5.18
C ASN A 316 11.61 9.32 5.66
N TYR A 317 10.40 9.60 6.12
CA TYR A 317 9.45 8.56 6.48
C TYR A 317 9.33 7.57 5.32
N PRO A 318 9.61 6.28 5.53
CA PRO A 318 9.67 5.35 4.39
C PRO A 318 8.31 5.01 3.80
N TYR A 319 7.25 4.96 4.61
CA TYR A 319 5.93 4.54 4.16
C TYR A 319 5.07 5.71 3.67
N SER A 320 5.67 6.72 3.06
CA SER A 320 4.91 7.85 2.54
C SER A 320 4.03 7.40 1.37
N ASP A 321 2.91 8.11 1.20
CA ASP A 321 1.96 7.83 0.11
C ASP A 321 1.24 6.50 0.32
N GLU A 322 1.12 6.05 1.57
CA GLU A 322 0.33 4.85 1.84
C GLU A 322 -1.13 5.05 1.47
N TYR A 323 -1.59 6.29 1.40
CA TYR A 323 -2.96 6.62 0.99
C TYR A 323 -2.98 8.08 0.59
N GLN B 6 -32.65 7.92 -0.05
CA GLN B 6 -31.49 8.01 0.82
C GLN B 6 -30.35 8.79 0.15
N CYS B 7 -30.06 9.97 0.70
CA CYS B 7 -29.03 10.85 0.18
C CYS B 7 -28.12 11.29 1.32
N VAL B 8 -26.97 11.85 0.95
CA VAL B 8 -26.04 12.47 1.89
C VAL B 8 -25.91 13.94 1.51
N LYS B 9 -25.80 14.79 2.53
CA LYS B 9 -25.64 16.22 2.29
C LYS B 9 -24.18 16.53 2.00
N LEU B 10 -23.93 17.21 0.88
CA LEU B 10 -22.58 17.57 0.48
C LEU B 10 -22.14 18.86 1.17
N ASN B 11 -20.84 19.14 1.13
CA ASN B 11 -20.31 20.30 1.83
C ASN B 11 -20.68 21.62 1.17
N ASP B 12 -21.34 21.61 0.01
CA ASP B 12 -21.82 22.82 -0.62
C ASP B 12 -23.33 23.00 -0.48
N GLY B 13 -24.01 22.11 0.23
CA GLY B 13 -25.42 22.21 0.46
C GLY B 13 -26.29 21.28 -0.36
N HIS B 14 -25.79 20.82 -1.50
CA HIS B 14 -26.56 19.92 -2.35
C HIS B 14 -26.56 18.51 -1.76
N PHE B 15 -27.41 17.66 -2.32
CA PHE B 15 -27.61 16.29 -1.85
C PHE B 15 -27.26 15.30 -2.95
N MET B 16 -26.63 14.21 -2.56
CA MET B 16 -26.19 13.16 -3.48
C MET B 16 -26.83 11.85 -3.08
N PRO B 17 -27.56 11.18 -3.97
CA PRO B 17 -28.05 9.83 -3.63
C PRO B 17 -26.88 8.89 -3.36
N VAL B 18 -27.04 8.05 -2.32
CA VAL B 18 -25.93 7.21 -1.87
C VAL B 18 -25.71 5.99 -2.74
N LEU B 19 -26.63 5.69 -3.65
CA LEU B 19 -26.46 4.60 -4.61
C LEU B 19 -26.47 5.18 -6.01
N GLY B 20 -25.41 4.94 -6.77
CA GLY B 20 -25.27 5.46 -8.11
C GLY B 20 -25.15 4.35 -9.15
N PHE B 21 -25.60 4.65 -10.36
CA PHE B 21 -25.54 3.72 -11.49
C PHE B 21 -24.34 4.04 -12.35
N GLY B 22 -23.48 3.04 -12.58
CA GLY B 22 -22.30 3.23 -13.40
C GLY B 22 -22.62 2.88 -14.85
N THR B 23 -22.25 3.78 -15.76
CA THR B 23 -22.67 3.65 -17.15
C THR B 23 -21.55 3.22 -18.09
N TYR B 24 -20.32 3.05 -17.60
CA TYR B 24 -19.26 2.70 -18.54
C TYR B 24 -19.43 1.27 -19.03
N ALA B 25 -19.29 1.09 -20.33
CA ALA B 25 -19.23 -0.22 -20.96
C ALA B 25 -18.13 -0.18 -22.01
N PRO B 26 -17.45 -1.31 -22.24
CA PRO B 26 -16.35 -1.30 -23.22
C PRO B 26 -16.87 -1.03 -24.62
N PRO B 27 -15.99 -0.62 -25.54
CA PRO B 27 -16.46 -0.24 -26.89
C PRO B 27 -17.18 -1.36 -27.62
N GLU B 28 -16.98 -2.62 -27.21
CA GLU B 28 -17.65 -3.72 -27.89
C GLU B 28 -19.16 -3.71 -27.65
N VAL B 29 -19.61 -3.03 -26.61
CA VAL B 29 -21.05 -2.97 -26.31
C VAL B 29 -21.68 -1.90 -27.21
N PRO B 30 -22.75 -2.21 -27.94
CA PRO B 30 -23.38 -1.18 -28.78
C PRO B 30 -23.80 0.02 -27.95
N ARG B 31 -23.64 1.21 -28.56
CA ARG B 31 -24.01 2.44 -27.86
C ARG B 31 -25.49 2.46 -27.49
N SER B 32 -26.31 1.71 -28.21
CA SER B 32 -27.74 1.68 -27.92
C SER B 32 -28.02 1.10 -26.54
N LYS B 33 -27.13 0.25 -26.03
CA LYS B 33 -27.38 -0.36 -24.73
C LYS B 33 -27.35 0.68 -23.61
N ALA B 34 -26.48 1.69 -23.71
CA ALA B 34 -26.43 2.71 -22.68
C ALA B 34 -27.77 3.42 -22.51
N LEU B 35 -28.44 3.70 -23.64
CA LEU B 35 -29.79 4.27 -23.57
C LEU B 35 -30.74 3.31 -22.87
N GLU B 36 -30.74 2.05 -23.29
CA GLU B 36 -31.65 1.06 -22.71
C GLU B 36 -31.43 0.93 -21.20
N VAL B 37 -30.19 0.66 -20.77
CA VAL B 37 -29.98 0.28 -19.39
C VAL B 37 -30.11 1.48 -18.45
N THR B 38 -29.78 2.68 -18.92
CA THR B 38 -29.95 3.84 -18.07
C THR B 38 -31.42 4.07 -17.76
N LYS B 39 -32.30 3.85 -18.75
CA LYS B 39 -33.74 3.91 -18.47
C LYS B 39 -34.16 2.82 -17.50
N LEU B 40 -33.63 1.61 -17.67
CA LEU B 40 -33.96 0.53 -16.74
C LEU B 40 -33.50 0.86 -15.32
N ALA B 41 -32.34 1.51 -15.19
CA ALA B 41 -31.85 1.86 -13.87
C ALA B 41 -32.77 2.89 -13.20
N ILE B 42 -33.15 3.93 -13.93
CA ILE B 42 -34.07 4.92 -13.39
C ILE B 42 -35.40 4.26 -13.03
N GLU B 43 -35.89 3.38 -13.90
CA GLU B 43 -37.15 2.69 -13.60
C GLU B 43 -37.00 1.80 -12.37
N ALA B 44 -35.82 1.20 -12.18
CA ALA B 44 -35.59 0.35 -11.02
C ALA B 44 -35.49 1.15 -9.72
N GLY B 45 -35.16 2.45 -9.82
CA GLY B 45 -35.09 3.29 -8.65
C GLY B 45 -33.80 4.08 -8.52
N PHE B 46 -32.87 3.87 -9.44
CA PHE B 46 -31.64 4.66 -9.43
C PHE B 46 -31.96 6.12 -9.74
N ARG B 47 -31.31 7.03 -9.01
CA ARG B 47 -31.47 8.46 -9.26
C ARG B 47 -30.14 9.18 -9.43
N HIS B 48 -29.02 8.50 -9.14
CA HIS B 48 -27.66 9.01 -9.28
C HIS B 48 -27.04 8.27 -10.47
N ILE B 49 -26.66 9.02 -11.50
CA ILE B 49 -26.18 8.45 -12.75
C ILE B 49 -24.79 8.97 -13.03
N ASP B 50 -23.82 8.07 -13.16
CA ASP B 50 -22.42 8.44 -13.26
C ASP B 50 -21.91 8.18 -14.68
N SER B 51 -21.52 9.26 -15.36
CA SER B 51 -20.94 9.15 -16.70
C SER B 51 -19.69 10.01 -16.81
N ALA B 52 -19.18 10.18 -18.03
CA ALA B 52 -17.92 10.89 -18.26
C ALA B 52 -17.71 11.05 -19.76
N HIS B 53 -16.93 12.07 -20.11
CA HIS B 53 -16.55 12.25 -21.51
C HIS B 53 -15.83 11.02 -22.04
N LEU B 54 -15.02 10.38 -21.20
CA LEU B 54 -14.24 9.22 -21.63
C LEU B 54 -15.12 8.06 -22.06
N TYR B 55 -16.34 7.96 -21.52
CA TYR B 55 -17.15 6.77 -21.72
C TYR B 55 -17.82 6.71 -23.10
N ASN B 56 -17.81 7.80 -23.86
CA ASN B 56 -18.43 7.84 -25.17
C ASN B 56 -19.88 7.35 -25.10
N ASN B 57 -20.60 7.86 -24.11
CA ASN B 57 -22.02 7.49 -24.00
C ASN B 57 -22.89 8.63 -23.50
N GLU B 58 -22.35 9.85 -23.35
CA GLU B 58 -23.14 10.93 -22.76
C GLU B 58 -24.36 11.26 -23.62
N GLU B 59 -24.28 11.03 -24.94
CA GLU B 59 -25.45 11.24 -25.79
C GLU B 59 -26.57 10.27 -25.41
N GLN B 60 -26.24 8.99 -25.28
CA GLN B 60 -27.25 7.99 -24.98
C GLN B 60 -27.72 8.08 -23.54
N VAL B 61 -26.79 8.32 -22.60
CA VAL B 61 -27.18 8.47 -21.20
C VAL B 61 -28.08 9.69 -21.02
N GLY B 62 -27.75 10.78 -21.71
CA GLY B 62 -28.60 11.97 -21.62
C GLY B 62 -29.96 11.76 -22.22
N LEU B 63 -30.03 10.99 -23.32
CA LEU B 63 -31.33 10.65 -23.91
C LEU B 63 -32.19 9.87 -22.93
N ALA B 64 -31.60 8.91 -22.21
CA ALA B 64 -32.38 8.13 -21.25
C ALA B 64 -32.95 9.02 -20.17
N ILE B 65 -32.11 9.92 -19.62
CA ILE B 65 -32.59 10.83 -18.58
C ILE B 65 -33.70 11.72 -19.12
N ARG B 66 -33.47 12.34 -20.27
CA ARG B 66 -34.47 13.21 -20.86
CA ARG B 66 -34.48 13.20 -20.85
C ARG B 66 -35.75 12.44 -21.18
N SER B 67 -35.63 11.17 -21.56
CA SER B 67 -36.80 10.36 -21.86
CA SER B 67 -36.80 10.36 -21.86
C SER B 67 -37.62 10.10 -20.59
N LYS B 68 -36.95 9.72 -19.50
CA LYS B 68 -37.67 9.45 -18.26
C LYS B 68 -38.25 10.72 -17.66
N ILE B 69 -37.66 11.88 -17.94
CA ILE B 69 -38.29 13.14 -17.53
C ILE B 69 -39.49 13.44 -18.41
N ALA B 70 -39.37 13.20 -19.72
CA ALA B 70 -40.46 13.54 -20.63
C ALA B 70 -41.66 12.64 -20.43
N ASP B 71 -41.43 11.35 -20.14
CA ASP B 71 -42.55 10.44 -19.96
C ASP B 71 -43.23 10.62 -18.62
N GLY B 72 -42.76 11.52 -17.77
CA GLY B 72 -43.39 11.82 -16.51
C GLY B 72 -42.95 10.96 -15.36
N SER B 73 -41.95 10.09 -15.55
CA SER B 73 -41.50 9.23 -14.47
C SER B 73 -40.77 10.00 -13.39
N VAL B 74 -39.93 10.96 -13.77
CA VAL B 74 -39.13 11.72 -12.82
C VAL B 74 -39.04 13.17 -13.29
N LYS B 75 -38.60 14.03 -12.37
CA LYS B 75 -38.24 15.40 -12.69
C LYS B 75 -36.71 15.53 -12.71
N ARG B 76 -36.23 16.54 -13.44
CA ARG B 76 -34.78 16.77 -13.51
C ARG B 76 -34.18 16.89 -12.12
N GLU B 77 -34.89 17.54 -11.20
CA GLU B 77 -34.38 17.69 -9.83
C GLU B 77 -34.26 16.37 -9.11
N ASP B 78 -34.96 15.32 -9.56
CA ASP B 78 -34.85 14.01 -8.93
C ASP B 78 -33.62 13.25 -9.39
N ILE B 79 -32.98 13.67 -10.48
CA ILE B 79 -31.85 12.96 -11.05
C ILE B 79 -30.57 13.69 -10.69
N PHE B 80 -29.59 12.93 -10.20
CA PHE B 80 -28.25 13.42 -9.90
C PHE B 80 -27.34 12.85 -10.98
N TYR B 81 -26.95 13.69 -11.94
CA TYR B 81 -26.14 13.27 -13.08
C TYR B 81 -24.71 13.77 -12.91
N THR B 82 -23.76 12.87 -13.06
CA THR B 82 -22.33 13.20 -12.96
C THR B 82 -21.66 13.04 -14.32
N SER B 83 -20.82 14.01 -14.67
CA SER B 83 -19.86 13.85 -15.76
C SER B 83 -18.47 14.19 -15.23
N LYS B 84 -17.47 13.98 -16.08
CA LYS B 84 -16.08 14.11 -15.65
C LYS B 84 -15.25 14.77 -16.74
N LEU B 85 -14.36 15.66 -16.31
CA LEU B 85 -13.41 16.32 -17.20
C LEU B 85 -12.25 15.38 -17.51
N TRP B 86 -12.06 15.04 -18.78
CA TRP B 86 -10.98 14.14 -19.16
C TRP B 86 -9.63 14.85 -19.07
N SER B 87 -8.57 14.05 -18.89
CA SER B 87 -7.25 14.57 -18.55
C SER B 87 -6.63 15.43 -19.64
N THR B 88 -7.15 15.38 -20.86
CA THR B 88 -6.62 16.23 -21.93
C THR B 88 -7.16 17.65 -21.88
N PHE B 89 -8.00 17.98 -20.91
CA PHE B 89 -8.61 19.30 -20.79
C PHE B 89 -8.35 19.92 -19.42
N HIS B 90 -7.20 19.58 -18.82
CA HIS B 90 -6.87 20.13 -17.51
C HIS B 90 -6.49 21.60 -17.59
N ARG B 91 -5.93 22.04 -18.71
CA ARG B 91 -5.57 23.44 -18.85
C ARG B 91 -6.80 24.31 -18.61
N PRO B 92 -6.72 25.33 -17.75
CA PRO B 92 -7.95 25.98 -17.27
C PRO B 92 -8.85 26.52 -18.37
N GLU B 93 -8.30 26.98 -19.49
CA GLU B 93 -9.13 27.54 -20.54
C GLU B 93 -9.94 26.47 -21.27
N LEU B 94 -9.57 25.19 -21.11
CA LEU B 94 -10.28 24.11 -21.76
C LEU B 94 -11.36 23.49 -20.88
N VAL B 95 -11.40 23.85 -19.60
CA VAL B 95 -12.31 23.18 -18.67
C VAL B 95 -13.76 23.45 -19.04
N ARG B 96 -14.14 24.73 -19.12
CA ARG B 96 -15.54 25.06 -19.38
C ARG B 96 -15.99 24.61 -20.76
N PRO B 97 -15.25 24.85 -21.84
CA PRO B 97 -15.64 24.25 -23.14
C PRO B 97 -15.86 22.74 -23.05
N ALA B 98 -15.03 22.03 -22.28
CA ALA B 98 -15.23 20.60 -22.12
C ALA B 98 -16.55 20.31 -21.42
N LEU B 99 -16.90 21.11 -20.41
CA LEU B 99 -18.18 20.93 -19.73
C LEU B 99 -19.34 21.29 -20.63
N GLU B 100 -19.21 22.38 -21.39
CA GLU B 100 -20.25 22.77 -22.34
C GLU B 100 -20.45 21.70 -23.40
N ASN B 101 -19.37 21.06 -23.84
CA ASN B 101 -19.50 20.00 -24.83
C ASN B 101 -20.23 18.80 -24.27
N SER B 102 -19.92 18.41 -23.02
CA SER B 102 -20.63 17.30 -22.40
C SER B 102 -22.12 17.60 -22.25
N LEU B 103 -22.47 18.83 -21.88
CA LEU B 103 -23.87 19.21 -21.78
C LEU B 103 -24.57 19.17 -23.13
N LYS B 104 -23.86 19.59 -24.19
CA LYS B 104 -24.45 19.56 -25.52
C LYS B 104 -24.77 18.13 -25.95
N LYS B 105 -23.83 17.20 -25.74
CA LYS B 105 -24.06 15.82 -26.12
C LYS B 105 -25.21 15.20 -25.34
N ALA B 106 -25.26 15.44 -24.02
CA ALA B 106 -26.29 14.87 -23.17
C ALA B 106 -27.61 15.63 -23.24
N GLN B 107 -27.65 16.78 -23.93
CA GLN B 107 -28.85 17.58 -24.04
CA GLN B 107 -28.85 17.58 -24.04
C GLN B 107 -29.39 17.95 -22.65
N LEU B 108 -28.47 18.28 -21.75
CA LEU B 108 -28.83 18.73 -20.40
C LEU B 108 -28.35 20.17 -20.23
N ASP B 109 -29.08 20.91 -19.39
CA ASP B 109 -28.72 22.30 -19.12
C ASP B 109 -27.60 22.41 -18.09
N TYR B 110 -27.43 21.40 -17.23
CA TYR B 110 -26.40 21.41 -16.21
C TYR B 110 -26.15 19.98 -15.77
N VAL B 111 -24.97 19.74 -15.19
CA VAL B 111 -24.67 18.49 -14.50
C VAL B 111 -24.80 18.75 -13.01
N ASP B 112 -25.26 17.73 -12.26
CA ASP B 112 -25.30 17.87 -10.81
C ASP B 112 -23.90 17.84 -10.22
N LEU B 113 -22.97 17.17 -10.89
CA LEU B 113 -21.61 16.98 -10.38
C LEU B 113 -20.66 16.89 -11.55
N TYR B 114 -19.58 17.67 -11.48
CA TYR B 114 -18.50 17.61 -12.47
C TYR B 114 -17.21 17.31 -11.71
N LEU B 115 -16.47 16.31 -12.19
CA LEU B 115 -15.27 15.84 -11.51
C LEU B 115 -14.06 15.95 -12.41
N ILE B 116 -12.91 16.19 -11.80
CA ILE B 116 -11.63 15.95 -12.47
C ILE B 116 -11.47 14.43 -12.52
N HIS B 117 -11.47 13.86 -13.73
CA HIS B 117 -11.49 12.42 -13.87
C HIS B 117 -10.24 11.77 -13.25
N SER B 118 -9.09 12.40 -13.40
CA SER B 118 -7.83 11.89 -12.88
C SER B 118 -6.87 13.04 -12.64
N PRO B 119 -5.98 12.93 -11.66
CA PRO B 119 -4.97 13.99 -11.46
C PRO B 119 -3.89 14.03 -12.54
N MET B 120 -3.72 12.95 -13.31
CA MET B 120 -2.61 12.81 -14.25
C MET B 120 -2.97 13.49 -15.57
N SER B 121 -2.44 14.69 -15.79
CA SER B 121 -2.77 15.43 -17.00
C SER B 121 -2.18 14.75 -18.23
N LEU B 122 -2.78 15.05 -19.38
CA LEU B 122 -2.32 14.54 -20.67
C LEU B 122 -2.25 15.68 -21.67
N LYS B 123 -1.50 15.45 -22.74
CA LYS B 123 -1.28 16.50 -23.73
C LYS B 123 -2.60 16.92 -24.36
N PRO B 124 -2.89 18.22 -24.46
CA PRO B 124 -4.10 18.65 -25.15
C PRO B 124 -4.11 18.18 -26.60
N GLY B 125 -5.30 17.91 -27.10
CA GLY B 125 -5.46 17.43 -28.46
C GLY B 125 -6.80 16.77 -28.64
N GLU B 126 -7.01 16.28 -29.87
CA GLU B 126 -8.27 15.64 -30.22
C GLU B 126 -8.31 14.17 -29.84
N GLU B 127 -7.16 13.56 -29.56
CA GLU B 127 -7.10 12.16 -29.18
C GLU B 127 -7.19 12.03 -27.66
N LEU B 128 -8.07 11.13 -27.20
CA LEU B 128 -8.21 10.91 -25.76
C LEU B 128 -6.91 10.36 -25.16
N SER B 129 -6.18 9.55 -25.91
CA SER B 129 -4.91 8.96 -25.48
C SER B 129 -3.83 9.36 -26.48
N PRO B 130 -3.29 10.58 -26.35
CA PRO B 130 -2.25 11.05 -27.28
C PRO B 130 -0.95 10.26 -27.19
N VAL B 137 2.26 7.14 -24.02
CA VAL B 137 1.39 8.27 -23.74
C VAL B 137 2.22 9.52 -23.54
N ILE B 138 1.68 10.66 -23.97
CA ILE B 138 2.33 11.96 -23.81
C ILE B 138 1.65 12.65 -22.64
N PHE B 139 2.42 12.98 -21.61
CA PHE B 139 1.89 13.63 -20.43
C PHE B 139 1.87 15.14 -20.63
N ASP B 140 1.26 15.83 -19.66
CA ASP B 140 1.24 17.29 -19.64
C ASP B 140 1.46 17.75 -18.21
N ILE B 141 2.11 18.90 -18.06
CA ILE B 141 2.37 19.49 -16.76
C ILE B 141 1.40 20.65 -16.57
N VAL B 142 0.54 20.54 -15.56
CA VAL B 142 -0.45 21.57 -15.26
C VAL B 142 -0.64 21.61 -13.75
N ASP B 143 -0.66 22.82 -13.19
CA ASP B 143 -0.99 23.01 -11.79
C ASP B 143 -2.49 22.75 -11.60
N LEU B 144 -2.83 21.62 -10.98
CA LEU B 144 -4.23 21.26 -10.81
C LEU B 144 -5.00 22.30 -10.02
N CYS B 145 -4.32 23.16 -9.26
CA CYS B 145 -5.00 24.25 -8.57
C CYS B 145 -5.64 25.20 -9.57
N THR B 146 -4.98 25.44 -10.70
CA THR B 146 -5.57 26.26 -11.74
C THR B 146 -6.76 25.55 -12.39
N THR B 147 -6.61 24.24 -12.65
CA THR B 147 -7.75 23.47 -13.13
C THR B 147 -8.93 23.60 -12.18
N TRP B 148 -8.66 23.58 -10.88
CA TRP B 148 -9.75 23.70 -9.90
C TRP B 148 -10.40 25.07 -9.94
N GLU B 149 -9.61 26.12 -10.18
CA GLU B 149 -10.19 27.46 -10.27
C GLU B 149 -11.17 27.53 -11.44
N ALA B 150 -10.84 26.89 -12.56
CA ALA B 150 -11.79 26.85 -13.67
C ALA B 150 -13.03 26.04 -13.31
N MET B 151 -12.86 24.95 -12.57
CA MET B 151 -14.01 24.18 -12.11
C MET B 151 -14.93 25.05 -11.25
N GLU B 152 -14.35 25.78 -10.29
CA GLU B 152 -15.16 26.69 -9.48
C GLU B 152 -15.90 27.69 -10.34
N LYS B 153 -15.28 28.15 -11.44
CA LYS B 153 -15.96 29.06 -12.35
C LYS B 153 -17.14 28.38 -13.04
N CYS B 154 -17.06 27.06 -13.26
CA CYS B 154 -18.19 26.36 -13.85
C CYS B 154 -19.36 26.28 -12.86
N LYS B 155 -19.05 26.09 -11.58
CA LYS B 155 -20.12 26.08 -10.57
C LYS B 155 -20.77 27.45 -10.44
N ASP B 156 -19.97 28.52 -10.50
CA ASP B 156 -20.53 29.87 -10.42
C ASP B 156 -21.48 30.13 -11.58
N ALA B 157 -21.18 29.59 -12.76
CA ALA B 157 -21.98 29.82 -13.95
C ALA B 157 -23.23 28.93 -14.02
N GLY B 158 -23.43 28.04 -13.04
CA GLY B 158 -24.57 27.16 -13.04
C GLY B 158 -24.44 25.94 -13.92
N LEU B 159 -23.28 25.73 -14.55
CA LEU B 159 -23.11 24.55 -15.39
C LEU B 159 -22.98 23.28 -14.56
N ALA B 160 -22.45 23.40 -13.34
CA ALA B 160 -22.31 22.27 -12.43
C ALA B 160 -22.82 22.69 -11.06
N LYS B 161 -23.80 21.94 -10.53
CA LYS B 161 -24.31 22.25 -9.20
C LYS B 161 -23.22 22.04 -8.14
N SER B 162 -22.45 20.96 -8.28
CA SER B 162 -21.35 20.64 -7.38
C SER B 162 -20.15 20.24 -8.21
N ILE B 163 -18.96 20.36 -7.62
CA ILE B 163 -17.71 20.00 -8.28
C ILE B 163 -16.88 19.16 -7.32
N GLY B 164 -16.17 18.19 -7.88
CA GLY B 164 -15.32 17.32 -7.09
C GLY B 164 -14.15 16.79 -7.89
N VAL B 165 -13.50 15.75 -7.38
CA VAL B 165 -12.32 15.16 -8.00
C VAL B 165 -12.47 13.65 -8.00
N SER B 166 -11.59 12.99 -8.74
CA SER B 166 -11.59 11.53 -8.82
C SER B 166 -10.15 11.04 -8.91
N ASN B 167 -9.89 9.92 -8.23
CA ASN B 167 -8.59 9.27 -8.24
C ASN B 167 -7.50 10.09 -7.58
N PHE B 168 -7.87 11.06 -6.75
CA PHE B 168 -6.89 11.81 -5.97
C PHE B 168 -6.50 11.02 -4.73
N ASN B 169 -5.31 11.32 -4.21
CA ASN B 169 -4.84 10.80 -2.93
C ASN B 169 -4.90 11.91 -1.89
N ARG B 170 -4.45 11.58 -0.68
CA ARG B 170 -4.48 12.55 0.41
C ARG B 170 -3.67 13.79 0.06
N ARG B 171 -2.46 13.60 -0.48
CA ARG B 171 -1.60 14.73 -0.82
C ARG B 171 -2.28 15.65 -1.83
N GLN B 172 -2.80 15.07 -2.91
CA GLN B 172 -3.40 15.86 -3.97
C GLN B 172 -4.65 16.58 -3.48
N LEU B 173 -5.47 15.93 -2.66
CA LEU B 173 -6.61 16.61 -2.07
C LEU B 173 -6.16 17.83 -1.26
N GLU B 174 -5.16 17.65 -0.40
CA GLU B 174 -4.69 18.77 0.41
C GLU B 174 -4.15 19.90 -0.44
N MET B 175 -3.58 19.57 -1.61
CA MET B 175 -3.16 20.62 -2.53
C MET B 175 -4.33 21.53 -2.87
N ILE B 176 -5.53 20.96 -3.01
CA ILE B 176 -6.71 21.76 -3.30
C ILE B 176 -7.23 22.43 -2.04
N LEU B 177 -7.31 21.66 -0.94
CA LEU B 177 -7.88 22.20 0.29
C LEU B 177 -7.04 23.35 0.85
N ASN B 178 -5.73 23.32 0.66
CA ASN B 178 -4.86 24.37 1.13
C ASN B 178 -4.57 25.42 0.08
N LYS B 179 -5.32 25.42 -1.03
CA LYS B 179 -5.08 26.39 -2.08
C LYS B 179 -5.41 27.80 -1.59
N PRO B 180 -4.57 28.79 -1.89
CA PRO B 180 -4.91 30.17 -1.52
C PRO B 180 -6.15 30.65 -2.26
N GLY B 181 -7.03 31.33 -1.54
CA GLY B 181 -8.24 31.83 -2.14
C GLY B 181 -9.22 30.76 -2.59
N LEU B 182 -9.17 29.59 -1.96
CA LEU B 182 -10.10 28.53 -2.30
C LEU B 182 -11.54 29.01 -2.12
N LYS B 183 -12.39 28.70 -3.09
CA LYS B 183 -13.80 29.07 -3.02
C LYS B 183 -14.69 27.88 -2.71
N TYR B 184 -14.50 26.76 -3.40
CA TYR B 184 -15.33 25.57 -3.21
C TYR B 184 -14.44 24.37 -2.94
N LYS B 185 -14.62 23.75 -1.78
CA LYS B 185 -13.98 22.47 -1.54
C LYS B 185 -14.58 21.42 -2.49
N PRO B 186 -13.80 20.40 -2.85
CA PRO B 186 -14.39 19.27 -3.57
C PRO B 186 -15.48 18.63 -2.71
N VAL B 187 -16.63 18.35 -3.33
CA VAL B 187 -17.71 17.70 -2.60
C VAL B 187 -17.42 16.22 -2.40
N CYS B 188 -16.57 15.62 -3.24
CA CYS B 188 -16.32 14.20 -3.15
C CYS B 188 -14.98 13.87 -3.78
N ASN B 189 -14.53 12.64 -3.53
CA ASN B 189 -13.37 12.06 -4.20
C ASN B 189 -13.80 10.67 -4.64
N GLN B 190 -13.94 10.46 -5.94
CA GLN B 190 -14.36 9.17 -6.49
C GLN B 190 -13.13 8.32 -6.76
N VAL B 191 -13.04 7.18 -6.09
CA VAL B 191 -11.86 6.32 -6.16
C VAL B 191 -12.28 4.86 -6.13
N GLU B 192 -11.36 3.99 -6.55
CA GLU B 192 -11.59 2.56 -6.43
C GLU B 192 -11.73 2.18 -4.97
N CYS B 193 -12.82 1.47 -4.66
CA CYS B 193 -13.11 1.12 -3.27
C CYS B 193 -13.99 -0.11 -3.24
N HIS B 194 -13.50 -1.16 -2.59
CA HIS B 194 -14.18 -2.45 -2.49
C HIS B 194 -13.52 -3.22 -1.35
N PRO B 195 -14.09 -4.37 -0.95
CA PRO B 195 -13.56 -5.07 0.23
C PRO B 195 -12.09 -5.45 0.13
N TYR B 196 -11.57 -5.66 -1.08
CA TYR B 196 -10.15 -5.94 -1.25
C TYR B 196 -9.29 -4.69 -1.25
N PHE B 197 -9.90 -3.51 -1.21
CA PHE B 197 -9.18 -2.24 -1.27
C PHE B 197 -10.07 -1.14 -0.69
N ASN B 198 -10.29 -1.16 0.63
CA ASN B 198 -11.38 -0.40 1.22
C ASN B 198 -11.03 1.04 1.55
N ARG B 199 -9.78 1.45 1.34
CA ARG B 199 -9.38 2.86 1.46
C ARG B 199 -9.72 3.42 2.84
N SER B 200 -9.56 2.60 3.87
CA SER B 200 -10.00 3.01 5.22
C SER B 200 -9.36 4.33 5.64
N LYS B 201 -8.05 4.49 5.38
CA LYS B 201 -7.38 5.70 5.83
C LYS B 201 -7.78 6.89 4.97
N LEU B 202 -7.86 6.71 3.66
CA LEU B 202 -8.35 7.79 2.80
C LEU B 202 -9.79 8.15 3.14
N LEU B 203 -10.60 7.16 3.54
CA LEU B 203 -11.97 7.44 3.93
C LEU B 203 -12.04 8.30 5.19
N ASP B 204 -11.23 7.97 6.21
CA ASP B 204 -11.23 8.76 7.43
C ASP B 204 -10.76 10.18 7.16
N PHE B 205 -9.78 10.34 6.28
CA PHE B 205 -9.32 11.68 5.93
C PHE B 205 -10.42 12.48 5.26
N CYS B 206 -11.09 11.88 4.28
CA CYS B 206 -12.19 12.57 3.61
C CYS B 206 -13.27 12.94 4.61
N LYS B 207 -13.64 12.01 5.49
CA LYS B 207 -14.63 12.31 6.53
C LYS B 207 -14.20 13.49 7.38
N SER B 208 -12.92 13.54 7.77
CA SER B 208 -12.44 14.65 8.60
C SER B 208 -12.46 15.98 7.87
N LYS B 209 -12.60 15.98 6.55
CA LYS B 209 -12.69 17.21 5.77
C LYS B 209 -14.07 17.41 5.15
N ASP B 210 -15.06 16.63 5.56
CA ASP B 210 -16.42 16.74 5.05
C ASP B 210 -16.46 16.51 3.53
N ILE B 211 -15.64 15.59 3.05
CA ILE B 211 -15.60 15.20 1.65
C ILE B 211 -16.13 13.77 1.55
N VAL B 212 -17.04 13.56 0.60
CA VAL B 212 -17.66 12.26 0.40
C VAL B 212 -16.74 11.40 -0.44
N LEU B 213 -16.53 10.16 -0.01
CA LEU B 213 -15.81 9.18 -0.80
C LEU B 213 -16.82 8.38 -1.62
N VAL B 214 -16.66 8.41 -2.94
CA VAL B 214 -17.51 7.65 -3.85
C VAL B 214 -16.72 6.45 -4.36
N ALA B 215 -17.29 5.26 -4.23
CA ALA B 215 -16.62 4.02 -4.56
C ALA B 215 -16.95 3.61 -5.98
N TYR B 216 -15.92 3.41 -6.79
CA TYR B 216 -16.11 2.76 -8.08
C TYR B 216 -15.41 1.41 -8.07
N SER B 217 -15.79 0.56 -9.02
CA SER B 217 -15.34 -0.82 -9.04
C SER B 217 -15.70 -1.53 -7.73
N ALA B 218 -16.77 -1.06 -7.09
CA ALA B 218 -17.17 -1.60 -5.80
C ALA B 218 -17.63 -3.06 -5.91
N LEU B 219 -17.88 -3.55 -7.11
CA LEU B 219 -18.26 -4.94 -7.32
C LEU B 219 -17.13 -5.76 -7.92
N GLY B 220 -15.91 -5.25 -7.90
CA GLY B 220 -14.77 -5.97 -8.39
C GLY B 220 -14.26 -5.56 -9.75
N SER B 221 -14.83 -4.50 -10.33
CA SER B 221 -14.46 -4.02 -11.66
C SER B 221 -14.98 -4.94 -12.75
N GLN B 222 -15.00 -4.46 -14.00
CA GLN B 222 -15.43 -5.28 -15.12
C GLN B 222 -14.34 -6.22 -15.60
N ARG B 223 -13.16 -6.19 -14.98
CA ARG B 223 -12.10 -7.14 -15.27
C ARG B 223 -11.73 -7.12 -16.75
N ASP B 224 -11.73 -5.92 -17.34
CA ASP B 224 -11.32 -5.79 -18.73
C ASP B 224 -9.86 -6.16 -18.87
N LYS B 225 -9.55 -7.04 -19.83
CA LYS B 225 -8.19 -7.53 -20.02
C LYS B 225 -7.20 -6.40 -20.31
N ARG B 226 -7.68 -5.25 -20.76
CA ARG B 226 -6.78 -4.17 -21.12
C ARG B 226 -6.12 -3.53 -19.90
N TRP B 227 -6.76 -3.62 -18.74
CA TRP B 227 -6.23 -2.98 -17.53
C TRP B 227 -6.15 -3.94 -16.36
N VAL B 228 -7.01 -4.95 -16.33
CA VAL B 228 -7.15 -5.82 -15.17
C VAL B 228 -6.43 -7.14 -15.43
N ASP B 229 -5.47 -7.45 -14.55
CA ASP B 229 -4.77 -8.73 -14.59
C ASP B 229 -5.77 -9.88 -14.46
N PRO B 230 -5.85 -10.80 -15.43
CA PRO B 230 -6.81 -11.90 -15.30
C PRO B 230 -6.58 -12.79 -14.11
N ASN B 231 -5.39 -12.75 -13.50
CA ASN B 231 -5.09 -13.60 -12.36
C ASN B 231 -5.50 -12.99 -11.03
N SER B 232 -5.88 -11.71 -11.00
CA SER B 232 -6.32 -11.09 -9.76
C SER B 232 -7.54 -11.82 -9.22
N PRO B 233 -7.70 -11.86 -7.89
CA PRO B 233 -8.88 -12.53 -7.33
C PRO B 233 -10.17 -11.85 -7.76
N VAL B 234 -11.21 -12.65 -7.93
CA VAL B 234 -12.52 -12.18 -8.36
C VAL B 234 -13.33 -11.84 -7.11
N LEU B 235 -13.62 -10.55 -6.93
CA LEU B 235 -14.24 -10.10 -5.70
C LEU B 235 -15.52 -10.88 -5.38
N LEU B 236 -16.41 -11.02 -6.37
CA LEU B 236 -17.72 -11.61 -6.11
C LEU B 236 -17.66 -13.11 -5.92
N GLU B 237 -16.51 -13.73 -6.15
CA GLU B 237 -16.28 -15.13 -5.82
C GLU B 237 -15.62 -15.30 -4.46
N ASP B 238 -15.48 -14.22 -3.70
CA ASP B 238 -14.80 -14.29 -2.41
C ASP B 238 -15.58 -15.20 -1.46
N PRO B 239 -14.88 -16.09 -0.73
CA PRO B 239 -15.62 -17.02 0.15
C PRO B 239 -16.40 -16.31 1.25
N VAL B 240 -15.85 -15.26 1.85
CA VAL B 240 -16.54 -14.55 2.91
C VAL B 240 -17.78 -13.85 2.35
N LEU B 241 -17.64 -13.19 1.20
CA LEU B 241 -18.80 -12.53 0.60
C LEU B 241 -19.90 -13.54 0.27
N CYS B 242 -19.51 -14.69 -0.27
CA CYS B 242 -20.50 -15.72 -0.59
C CYS B 242 -21.15 -16.27 0.67
N ALA B 243 -20.37 -16.47 1.73
CA ALA B 243 -20.93 -16.95 2.99
C ALA B 243 -21.94 -15.96 3.56
N LEU B 244 -21.61 -14.67 3.57
CA LEU B 244 -22.54 -13.67 4.05
C LEU B 244 -23.77 -13.55 3.15
N ALA B 245 -23.60 -13.76 1.85
CA ALA B 245 -24.75 -13.76 0.95
C ALA B 245 -25.71 -14.91 1.27
N LYS B 246 -25.15 -16.08 1.59
CA LYS B 246 -25.97 -17.20 2.01
C LYS B 246 -26.69 -16.89 3.33
N LYS B 247 -25.95 -16.35 4.30
CA LYS B 247 -26.54 -16.04 5.60
C LYS B 247 -27.76 -15.13 5.45
N HIS B 248 -27.60 -14.00 4.77
CA HIS B 248 -28.68 -13.04 4.58
C HIS B 248 -29.61 -13.39 3.43
N LYS B 249 -29.32 -14.45 2.68
CA LYS B 249 -30.11 -14.79 1.49
C LYS B 249 -30.15 -13.62 0.52
N ARG B 250 -29.01 -12.96 0.34
CA ARG B 250 -28.80 -11.94 -0.66
C ARG B 250 -27.76 -12.47 -1.66
N THR B 251 -27.00 -11.58 -2.28
CA THR B 251 -25.98 -11.95 -3.24
C THR B 251 -24.66 -11.32 -2.82
N PRO B 252 -23.53 -11.85 -3.30
CA PRO B 252 -22.25 -11.23 -2.97
C PRO B 252 -22.17 -9.77 -3.40
N ALA B 253 -22.80 -9.43 -4.52
CA ALA B 253 -22.84 -8.05 -4.96
C ALA B 253 -23.57 -7.17 -3.95
N LEU B 254 -24.77 -7.60 -3.53
CA LEU B 254 -25.52 -6.83 -2.55
C LEU B 254 -24.75 -6.69 -1.24
N ILE B 255 -24.01 -7.72 -0.84
CA ILE B 255 -23.19 -7.61 0.37
C ILE B 255 -22.13 -6.54 0.18
N ALA B 256 -21.45 -6.55 -0.96
CA ALA B 256 -20.39 -5.57 -1.22
C ALA B 256 -20.94 -4.15 -1.27
N LEU B 257 -22.15 -3.98 -1.80
CA LEU B 257 -22.75 -2.64 -1.86
C LEU B 257 -23.19 -2.18 -0.48
N ARG B 258 -23.90 -3.05 0.26
CA ARG B 258 -24.34 -2.69 1.60
C ARG B 258 -23.15 -2.38 2.51
N TYR B 259 -22.04 -3.09 2.32
CA TYR B 259 -20.84 -2.82 3.12
C TYR B 259 -20.44 -1.34 3.01
N GLN B 260 -20.45 -0.81 1.78
CA GLN B 260 -20.04 0.57 1.58
C GLN B 260 -21.03 1.54 2.21
N LEU B 261 -22.33 1.26 2.12
CA LEU B 261 -23.32 2.17 2.66
C LEU B 261 -23.20 2.30 4.17
N GLN B 262 -22.89 1.20 4.87
CA GLN B 262 -22.82 1.23 6.32
C GLN B 262 -21.50 1.77 6.85
N ARG B 263 -20.55 2.11 5.98
CA ARG B 263 -19.33 2.80 6.39
C ARG B 263 -19.27 4.22 5.85
N GLY B 264 -20.41 4.76 5.41
CA GLY B 264 -20.47 6.15 5.00
C GLY B 264 -19.98 6.44 3.61
N VAL B 265 -19.87 5.43 2.75
CA VAL B 265 -19.37 5.59 1.39
C VAL B 265 -20.57 5.58 0.44
N VAL B 266 -20.57 6.52 -0.50
CA VAL B 266 -21.50 6.47 -1.64
C VAL B 266 -20.94 5.48 -2.64
N VAL B 267 -21.78 4.54 -3.09
CA VAL B 267 -21.33 3.41 -3.87
C VAL B 267 -21.96 3.46 -5.26
N LEU B 268 -21.14 3.24 -6.29
CA LEU B 268 -21.60 3.08 -7.65
C LEU B 268 -21.74 1.59 -7.95
N ALA B 269 -22.62 1.26 -8.88
CA ALA B 269 -22.79 -0.11 -9.34
C ALA B 269 -23.12 -0.07 -10.81
N LYS B 270 -22.23 -0.62 -11.64
CA LYS B 270 -22.49 -0.75 -13.07
C LYS B 270 -23.12 -2.10 -13.34
N SER B 271 -24.20 -2.09 -14.11
CA SER B 271 -24.77 -3.31 -14.64
C SER B 271 -25.51 -2.96 -15.92
N TYR B 272 -25.30 -3.76 -16.96
CA TYR B 272 -26.06 -3.67 -18.21
C TYR B 272 -27.04 -4.83 -18.34
N ASN B 273 -27.36 -5.49 -17.23
CA ASN B 273 -28.26 -6.65 -17.20
C ASN B 273 -29.52 -6.25 -16.44
N GLU B 274 -30.68 -6.42 -17.08
CA GLU B 274 -31.92 -5.91 -16.50
C GLU B 274 -32.16 -6.50 -15.11
N GLN B 275 -31.89 -7.79 -14.93
CA GLN B 275 -32.17 -8.42 -13.65
C GLN B 275 -31.22 -7.92 -12.57
N ARG B 276 -29.93 -7.78 -12.89
CA ARG B 276 -28.98 -7.31 -11.89
C ARG B 276 -29.18 -5.83 -11.58
N ILE B 277 -29.60 -5.04 -12.57
CA ILE B 277 -29.93 -3.64 -12.30
C ILE B 277 -31.04 -3.56 -11.26
N ARG B 278 -32.12 -4.33 -11.46
CA ARG B 278 -33.20 -4.32 -10.49
C ARG B 278 -32.76 -4.93 -9.16
N GLN B 279 -31.86 -5.91 -9.19
CA GLN B 279 -31.41 -6.51 -7.94
C GLN B 279 -30.65 -5.51 -7.08
N ASN B 280 -29.85 -4.66 -7.71
CA ASN B 280 -28.90 -3.83 -6.94
C ASN B 280 -29.60 -2.84 -6.03
N VAL B 281 -30.82 -2.41 -6.37
CA VAL B 281 -31.56 -1.50 -5.50
C VAL B 281 -32.04 -2.20 -4.23
N GLN B 282 -31.89 -3.53 -4.13
CA GLN B 282 -32.22 -4.22 -2.89
C GLN B 282 -31.26 -3.87 -1.76
N VAL B 283 -30.20 -3.10 -2.03
CA VAL B 283 -29.22 -2.79 -1.02
C VAL B 283 -29.84 -2.06 0.17
N PHE B 284 -31.01 -1.45 -0.02
CA PHE B 284 -31.66 -0.74 1.07
C PHE B 284 -32.58 -1.64 1.90
N GLU B 285 -32.75 -2.90 1.51
CA GLU B 285 -33.75 -3.76 2.11
C GLU B 285 -33.22 -4.64 3.24
N PHE B 286 -31.92 -4.64 3.48
CA PHE B 286 -31.35 -5.48 4.53
C PHE B 286 -30.15 -4.74 5.14
N GLN B 287 -29.61 -5.33 6.20
CA GLN B 287 -28.54 -4.71 6.96
C GLN B 287 -27.51 -5.77 7.35
N LEU B 288 -26.25 -5.35 7.43
CA LEU B 288 -25.17 -6.20 7.89
C LEU B 288 -24.93 -5.96 9.37
N THR B 289 -24.59 -7.03 10.08
CA THR B 289 -24.24 -6.89 11.49
C THR B 289 -22.85 -6.31 11.63
N ALA B 290 -22.57 -5.78 12.83
CA ALA B 290 -21.25 -5.23 13.09
C ALA B 290 -20.18 -6.31 12.93
N GLU B 291 -20.50 -7.55 13.33
CA GLU B 291 -19.58 -8.66 13.10
C GLU B 291 -19.42 -8.93 11.61
N ASP B 292 -20.50 -8.84 10.83
CA ASP B 292 -20.40 -8.97 9.38
C ASP B 292 -19.46 -7.91 8.83
N MET B 293 -19.61 -6.66 9.27
CA MET B 293 -18.78 -5.58 8.77
C MET B 293 -17.30 -5.82 9.11
N LYS B 294 -17.02 -6.33 10.30
CA LYS B 294 -15.64 -6.59 10.69
C LYS B 294 -15.03 -7.67 9.82
N ALA B 295 -15.80 -8.72 9.52
CA ALA B 295 -15.30 -9.79 8.65
C ALA B 295 -14.99 -9.25 7.26
N ILE B 296 -15.83 -8.34 6.75
CA ILE B 296 -15.56 -7.76 5.44
C ILE B 296 -14.33 -6.87 5.51
N ASP B 297 -14.17 -6.12 6.62
CA ASP B 297 -12.98 -5.30 6.81
C ASP B 297 -11.70 -6.14 6.68
N GLY B 298 -11.72 -7.36 7.21
CA GLY B 298 -10.54 -8.20 7.18
C GLY B 298 -10.10 -8.61 5.78
N LEU B 299 -10.97 -8.47 4.79
CA LEU B 299 -10.64 -8.83 3.42
C LEU B 299 -9.70 -7.84 2.75
N ASP B 300 -9.52 -6.65 3.34
CA ASP B 300 -8.68 -5.63 2.72
C ASP B 300 -7.30 -6.20 2.42
N ARG B 301 -6.77 -5.86 1.24
CA ARG B 301 -5.46 -6.36 0.85
C ARG B 301 -4.80 -5.47 -0.19
N ASN B 302 -5.16 -4.19 -0.21
CA ASN B 302 -4.47 -3.20 -1.04
C ASN B 302 -4.44 -3.64 -2.50
N LEU B 303 -5.55 -4.17 -2.98
CA LEU B 303 -5.64 -4.75 -4.33
C LEU B 303 -6.26 -3.72 -5.28
N HIS B 304 -5.45 -3.20 -6.20
CA HIS B 304 -5.92 -2.28 -7.23
C HIS B 304 -6.24 -3.09 -8.49
N TYR B 305 -7.51 -3.14 -8.88
CA TYR B 305 -7.86 -3.86 -10.11
C TYR B 305 -7.31 -3.15 -11.34
N PHE B 306 -7.25 -1.82 -11.31
CA PHE B 306 -6.78 -1.04 -12.45
C PHE B 306 -5.26 -0.91 -12.40
N ASN B 307 -4.61 -1.45 -13.42
CA ASN B 307 -3.15 -1.41 -13.52
C ASN B 307 -2.72 -0.10 -14.16
N SER B 308 -2.01 0.73 -13.40
CA SER B 308 -1.55 2.04 -13.86
C SER B 308 -0.03 2.10 -13.91
N ASP B 309 0.60 0.99 -14.30
CA ASP B 309 2.06 0.95 -14.34
C ASP B 309 2.62 1.83 -15.45
N SER B 310 1.95 1.86 -16.60
CA SER B 310 2.34 2.80 -17.65
C SER B 310 2.29 4.24 -17.14
N PHE B 311 1.40 4.51 -16.19
CA PHE B 311 1.19 5.84 -15.64
C PHE B 311 1.96 6.05 -14.34
N ALA B 312 2.74 5.07 -13.91
CA ALA B 312 3.54 5.24 -12.70
C ALA B 312 4.55 6.36 -12.84
N SER B 313 4.93 6.70 -14.07
CA SER B 313 5.93 7.74 -14.32
C SER B 313 5.35 9.15 -14.20
N HIS B 314 4.04 9.30 -14.22
CA HIS B 314 3.45 10.63 -14.19
C HIS B 314 3.72 11.29 -12.84
N PRO B 315 4.05 12.59 -12.82
CA PRO B 315 4.26 13.26 -11.53
C PRO B 315 3.07 13.15 -10.59
N ASN B 316 1.85 13.22 -11.13
CA ASN B 316 0.63 13.16 -10.33
C ASN B 316 0.10 11.73 -10.18
N TYR B 317 0.96 10.74 -10.32
CA TYR B 317 0.55 9.35 -10.09
C TYR B 317 0.00 9.23 -8.67
N PRO B 318 -1.27 8.86 -8.50
CA PRO B 318 -1.83 8.87 -7.14
C PRO B 318 -1.30 7.77 -6.25
N TYR B 319 -0.94 6.62 -6.82
CA TYR B 319 -0.47 5.49 -6.03
C TYR B 319 1.04 5.55 -5.82
#